data_7LXJ
#
_entry.id   7LXJ
#
_cell.length_a   124.715
_cell.length_b   55.661
_cell.length_c   47.991
_cell.angle_alpha   90.000
_cell.angle_beta   112.200
_cell.angle_gamma   90.000
#
_symmetry.space_group_name_H-M   'C 1 2 1'
#
loop_
_entity.id
_entity.type
_entity.pdbx_description
1 polymer 'DNA-7-methylguanine glycosylase'
2 polymer "DNA (5'-D(*AP*GP*CP*AP*AP*(ORP)P*GP*GP*C)-3')"
3 polymer "DNA (5'-D(*TP*GP*CP*CP*TP*TP*TP*GP*C)-3')"
4 non-polymer 'CALCIUM ION'
5 non-polymer 'methyl (8R)-8-{[(4P)-6-amino-3H-purin-3-yl]methyl}-4-hydroxy-6-(5,6,7-trimethoxy-1H-indole-2-carbonyl)-3,6,7,8-tetrahydropyrrolo[3,2-e]indole-2-carboxylate'
6 water water
#
loop_
_entity_poly.entity_id
_entity_poly.type
_entity_poly.pdbx_seq_one_letter_code
_entity_poly.pdbx_strand_id
1 'polypeptide(L)'
;GPVPMHPFVKALQEHFTAHQNPEKAEPMARYMKNHFLFLGIQTPERRQLLKDIIQIHTLPDQKDFQIIIRELWDLPEREF
QAAALDIMQKYKKHINETHIPFLEELIVTKSWWDSVDSIVPTFLGDIFLKHPELISAYIPKWIASDNIWLQRAAILFQLK
YKQKMDEELLFWIIGQLHSSKEFFIQKAIGWVLREYAKTNPDVVWEYVQNNELAPLSKREAIKHIKQNYGINNEKIGETL
S
;
A
2 'polydeoxyribonucleotide' (DA)(DG)(DC)(DA)(DA)(ORP)(DG)(DG)(DC) B
3 'polydeoxyribonucleotide' (DT)(DG)(DC)(DC)(DT)(DT)(DT)(DG)(DC) C
#
# COMPACT_ATOMS: atom_id res chain seq x y z
N VAL A 3 24.63 3.01 7.49
CA VAL A 3 25.03 2.11 6.41
C VAL A 3 24.42 0.71 6.61
N PRO A 4 23.85 0.12 5.56
CA PRO A 4 23.30 -1.23 5.70
C PRO A 4 24.36 -2.20 6.20
N MET A 5 23.89 -3.28 6.81
CA MET A 5 24.83 -4.24 7.41
C MET A 5 24.44 -5.69 7.26
N HIS A 6 23.17 -6.04 7.01
CA HIS A 6 22.83 -7.43 6.74
C HIS A 6 23.36 -7.84 5.36
N PRO A 7 24.04 -8.98 5.22
CA PRO A 7 24.71 -9.27 3.94
C PRO A 7 23.74 -9.28 2.76
N PHE A 8 22.56 -9.86 2.93
CA PHE A 8 21.61 -9.89 1.81
C PHE A 8 21.36 -8.50 1.28
N VAL A 9 21.28 -7.51 2.17
CA VAL A 9 20.93 -6.15 1.76
C VAL A 9 22.13 -5.48 1.10
N LYS A 10 23.33 -5.68 1.63
CA LYS A 10 24.55 -5.21 0.96
C LYS A 10 24.62 -5.76 -0.46
N ALA A 11 24.38 -7.07 -0.61
CA ALA A 11 24.45 -7.68 -1.93
C ALA A 11 23.38 -7.11 -2.86
N LEU A 12 22.22 -6.77 -2.31
CA LEU A 12 21.18 -6.20 -3.16
C LEU A 12 21.51 -4.76 -3.52
N GLN A 13 22.09 -4.00 -2.58
CA GLN A 13 22.50 -2.64 -2.88
C GLN A 13 23.56 -2.62 -3.97
N GLU A 14 24.57 -3.47 -3.84
CA GLU A 14 25.62 -3.54 -4.87
C GLU A 14 25.02 -3.86 -6.24
N HIS A 15 24.22 -4.93 -6.31
CA HIS A 15 23.70 -5.41 -7.60
C HIS A 15 22.77 -4.38 -8.23
N PHE A 16 21.85 -3.81 -7.45
CA PHE A 16 21.02 -2.74 -7.98
C PHE A 16 21.86 -1.56 -8.44
N THR A 17 22.85 -1.17 -7.63
CA THR A 17 23.62 0.01 -7.98
C THR A 17 24.38 -0.23 -9.28
N ALA A 18 24.88 -1.45 -9.47
CA ALA A 18 25.56 -1.79 -10.71
C ALA A 18 24.63 -1.74 -11.92
N HIS A 19 23.31 -1.74 -11.73
CA HIS A 19 22.40 -1.79 -12.87
C HIS A 19 21.62 -0.50 -13.03
N GLN A 20 22.11 0.59 -12.48
CA GLN A 20 21.38 1.84 -12.49
C GLN A 20 21.42 2.50 -13.86
N ASN A 21 20.41 3.31 -14.14
CA ASN A 21 20.29 3.99 -15.43
C ASN A 21 19.94 5.45 -15.17
N PRO A 22 20.92 6.36 -15.20
CA PRO A 22 20.62 7.76 -14.89
C PRO A 22 19.62 8.37 -15.84
N GLU A 23 19.58 7.91 -17.08
CA GLU A 23 18.64 8.47 -18.05
C GLU A 23 17.20 8.21 -17.64
N LYS A 24 16.93 7.02 -17.08
CA LYS A 24 15.60 6.69 -16.58
C LYS A 24 15.34 7.26 -15.19
N ALA A 25 16.39 7.51 -14.42
CA ALA A 25 16.23 7.88 -13.03
C ALA A 25 15.49 9.21 -12.88
N GLU A 26 15.82 10.22 -13.70
CA GLU A 26 15.21 11.53 -13.55
C GLU A 26 13.71 11.50 -13.79
N PRO A 27 13.22 10.97 -14.92
CA PRO A 27 11.76 10.91 -15.11
C PRO A 27 11.07 10.06 -14.08
N MET A 28 11.69 8.98 -13.59
CA MET A 28 11.04 8.21 -12.54
C MET A 28 10.90 9.04 -11.27
N ALA A 29 11.95 9.80 -10.91
CA ALA A 29 11.86 10.58 -9.68
C ALA A 29 10.81 11.67 -9.81
N ARG A 30 10.78 12.34 -10.96
CA ARG A 30 9.75 13.35 -11.19
C ARG A 30 8.37 12.73 -11.14
N TYR A 31 8.23 11.45 -11.47
CA TYR A 31 6.90 10.83 -11.41
C TYR A 31 6.43 10.74 -9.97
N MET A 32 7.33 10.59 -9.01
CA MET A 32 6.94 10.60 -7.61
C MET A 32 7.16 11.97 -6.98
N LYS A 33 6.98 13.04 -7.75
CA LYS A 33 7.05 14.42 -7.26
C LYS A 33 8.38 14.70 -6.58
N ASN A 34 9.42 14.04 -7.03
CA ASN A 34 10.78 14.27 -6.56
C ASN A 34 10.90 14.10 -5.05
N HIS A 35 10.09 13.22 -4.48
CA HIS A 35 10.20 12.92 -3.06
C HIS A 35 11.36 12.00 -2.77
N PHE A 36 11.78 11.21 -3.75
CA PHE A 36 12.77 10.16 -3.55
C PHE A 36 13.80 10.18 -4.66
N LEU A 37 15.04 9.89 -4.30
CA LEU A 37 16.02 9.52 -5.29
C LEU A 37 15.64 8.18 -5.90
N PHE A 38 16.09 7.95 -7.13
CA PHE A 38 15.87 6.73 -7.86
C PHE A 38 17.18 6.29 -8.49
N LEU A 39 17.40 4.99 -8.53
CA LEU A 39 18.49 4.42 -9.34
C LEU A 39 18.16 4.39 -10.83
N GLY A 40 16.87 4.28 -11.18
CA GLY A 40 16.46 4.20 -12.57
C GLY A 40 16.16 2.79 -13.08
N ILE A 41 15.60 1.93 -12.24
CA ILE A 41 15.38 0.52 -12.56
C ILE A 41 13.89 0.23 -12.46
N GLN A 42 13.28 -0.07 -13.59
CA GLN A 42 11.85 -0.34 -13.64
C GLN A 42 11.55 -1.77 -13.17
N THR A 43 10.26 -2.04 -12.97
CA THR A 43 9.83 -3.24 -12.25
C THR A 43 10.32 -4.54 -12.91
N PRO A 44 10.19 -4.75 -14.21
CA PRO A 44 10.69 -6.03 -14.77
C PRO A 44 12.15 -6.27 -14.42
N GLU A 45 13.04 -5.32 -14.72
CA GLU A 45 14.44 -5.51 -14.38
C GLU A 45 14.62 -5.62 -12.88
N ARG A 46 13.90 -4.81 -12.10
CA ARG A 46 14.11 -4.79 -10.66
C ARG A 46 13.84 -6.15 -10.05
N ARG A 47 12.82 -6.84 -10.52
CA ARG A 47 12.50 -8.14 -9.97
C ARG A 47 13.47 -9.20 -10.45
N GLN A 48 13.99 -9.03 -11.67
CA GLN A 48 15.04 -9.93 -12.17
C GLN A 48 16.27 -9.88 -11.27
N LEU A 49 16.64 -8.66 -10.82
CA LEU A 49 17.83 -8.46 -9.99
C LEU A 49 17.64 -9.01 -8.58
N LEU A 50 16.46 -8.79 -7.99
CA LEU A 50 16.17 -9.39 -6.70
C LEU A 50 16.28 -10.92 -6.76
N LYS A 51 15.62 -11.54 -7.75
CA LYS A 51 15.69 -12.99 -7.92
C LYS A 51 17.12 -13.48 -8.09
N ASP A 52 17.99 -12.70 -8.73
CA ASP A 52 19.40 -13.06 -8.80
C ASP A 52 19.98 -13.22 -7.40
N ILE A 53 19.66 -12.29 -6.49
CA ILE A 53 20.28 -12.31 -5.18
C ILE A 53 19.72 -13.45 -4.36
N ILE A 54 18.43 -13.73 -4.51
CA ILE A 54 17.83 -14.88 -3.83
C ILE A 54 18.42 -16.18 -4.34
N GLN A 55 18.63 -16.28 -5.66
CA GLN A 55 19.13 -17.53 -6.22
C GLN A 55 20.55 -17.81 -5.70
N ILE A 56 21.28 -16.76 -5.36
CA ILE A 56 22.64 -16.87 -4.82
C ILE A 56 22.63 -17.19 -3.33
N HIS A 57 22.06 -16.30 -2.53
CA HIS A 57 22.13 -16.42 -1.08
C HIS A 57 21.04 -17.29 -0.49
N THR A 58 20.00 -17.60 -1.26
CA THR A 58 18.76 -18.21 -0.76
C THR A 58 18.02 -17.16 0.08
N LEU A 59 16.72 -17.34 0.22
CA LEU A 59 15.89 -16.43 1.01
C LEU A 59 16.30 -16.46 2.47
N PRO A 60 16.65 -15.32 3.06
CA PRO A 60 17.07 -15.32 4.46
C PRO A 60 16.05 -16.01 5.36
N ASP A 61 16.55 -16.53 6.47
CA ASP A 61 15.68 -17.11 7.48
C ASP A 61 14.67 -16.07 7.93
N GLN A 62 13.47 -16.53 8.28
CA GLN A 62 12.38 -15.61 8.61
C GLN A 62 12.68 -14.73 9.83
N LYS A 63 13.59 -15.15 10.71
CA LYS A 63 13.95 -14.32 11.85
C LYS A 63 14.47 -12.94 11.43
N ASP A 64 15.07 -12.84 10.24
CA ASP A 64 15.72 -11.60 9.82
C ASP A 64 14.85 -10.75 8.92
N PHE A 65 13.59 -11.11 8.66
CA PHE A 65 12.91 -10.42 7.57
C PHE A 65 12.58 -8.98 7.94
N GLN A 66 12.25 -8.70 9.20
CA GLN A 66 12.05 -7.31 9.61
C GLN A 66 13.34 -6.52 9.49
N ILE A 67 14.44 -7.07 10.03
CA ILE A 67 15.77 -6.49 9.89
C ILE A 67 16.00 -6.07 8.44
N ILE A 68 15.75 -6.98 7.49
CA ILE A 68 16.09 -6.73 6.10
C ILE A 68 15.21 -5.65 5.50
N ILE A 69 13.91 -5.70 5.78
CA ILE A 69 13.01 -4.67 5.28
C ILE A 69 13.38 -3.31 5.86
N ARG A 70 13.77 -3.27 7.14
CA ARG A 70 14.10 -1.99 7.76
C ARG A 70 15.31 -1.35 7.09
N GLU A 71 16.36 -2.14 6.87
CA GLU A 71 17.55 -1.58 6.24
C GLU A 71 17.23 -1.08 4.82
N LEU A 72 16.43 -1.84 4.07
CA LEU A 72 16.05 -1.39 2.73
C LEU A 72 15.23 -0.10 2.80
N TRP A 73 14.37 0.02 3.83
CA TRP A 73 13.55 1.22 3.92
C TRP A 73 14.38 2.46 4.15
N ASP A 74 15.53 2.33 4.83
CA ASP A 74 16.37 3.49 5.13
C ASP A 74 17.29 3.88 3.98
N LEU A 75 17.48 3.04 2.97
CA LEU A 75 18.31 3.45 1.84
C LEU A 75 17.60 4.50 0.99
N PRO A 76 18.35 5.41 0.36
CA PRO A 76 17.72 6.59 -0.23
C PRO A 76 16.94 6.35 -1.50
N GLU A 77 17.35 5.40 -2.34
CA GLU A 77 16.68 5.19 -3.61
C GLU A 77 15.41 4.37 -3.48
N ARG A 78 14.38 4.79 -4.22
CA ARG A 78 13.06 4.23 -4.04
C ARG A 78 12.99 2.78 -4.45
N GLU A 79 13.84 2.34 -5.38
CA GLU A 79 13.81 0.94 -5.77
C GLU A 79 14.00 0.01 -4.57
N PHE A 80 14.71 0.46 -3.52
CA PHE A 80 14.96 -0.41 -2.39
C PHE A 80 13.70 -0.62 -1.56
N GLN A 81 12.84 0.41 -1.44
CA GLN A 81 11.56 0.17 -0.78
C GLN A 81 10.69 -0.74 -1.65
N ALA A 82 10.70 -0.56 -2.97
CA ALA A 82 9.89 -1.42 -3.82
C ALA A 82 10.40 -2.86 -3.77
N ALA A 83 11.71 -3.03 -3.74
CA ALA A 83 12.26 -4.37 -3.56
C ALA A 83 11.89 -4.93 -2.19
N ALA A 84 11.95 -4.09 -1.15
CA ALA A 84 11.57 -4.54 0.18
C ALA A 84 10.16 -5.12 0.20
N LEU A 85 9.26 -4.52 -0.58
CA LEU A 85 7.89 -5.03 -0.66
C LEU A 85 7.79 -6.31 -1.48
N ASP A 86 8.61 -6.45 -2.52
CA ASP A 86 8.67 -7.74 -3.23
C ASP A 86 9.14 -8.83 -2.27
N ILE A 87 10.05 -8.48 -1.35
CA ILE A 87 10.60 -9.45 -0.42
C ILE A 87 9.56 -9.84 0.62
N MET A 88 8.81 -8.85 1.11
CA MET A 88 7.77 -9.16 2.07
C MET A 88 6.74 -10.11 1.48
N GLN A 89 6.48 -9.98 0.19
CA GLN A 89 5.58 -10.93 -0.46
C GLN A 89 6.06 -12.36 -0.29
N LYS A 90 7.36 -12.56 -0.17
CA LYS A 90 7.91 -13.91 -0.08
C LYS A 90 7.90 -14.44 1.33
N TYR A 91 7.50 -13.61 2.29
CA TYR A 91 7.36 -14.04 3.68
C TYR A 91 5.90 -14.05 4.14
N LYS A 92 4.95 -13.94 3.21
CA LYS A 92 3.55 -13.74 3.60
C LYS A 92 3.09 -14.75 4.64
N LYS A 93 3.60 -15.98 4.54
CA LYS A 93 3.14 -17.06 5.42
C LYS A 93 3.49 -16.79 6.88
N HIS A 94 4.57 -16.07 7.14
CA HIS A 94 4.99 -15.78 8.50
C HIS A 94 4.53 -14.43 8.99
N ILE A 95 3.64 -13.76 8.25
CA ILE A 95 3.17 -12.43 8.65
C ILE A 95 1.80 -12.58 9.30
N ASN A 96 1.62 -11.95 10.45
CA ASN A 96 0.43 -12.14 11.26
C ASN A 96 0.19 -10.88 12.09
N GLU A 97 -0.75 -10.98 13.02
CA GLU A 97 -1.22 -9.79 13.73
C GLU A 97 -0.11 -9.14 14.55
N THR A 98 0.90 -9.90 14.96
CA THR A 98 1.97 -9.28 15.73
C THR A 98 2.78 -8.33 14.88
N HIS A 99 2.59 -8.36 13.55
CA HIS A 99 3.35 -7.50 12.66
C HIS A 99 2.63 -6.23 12.31
N ILE A 100 1.41 -5.99 12.83
CA ILE A 100 0.68 -4.79 12.43
C ILE A 100 1.48 -3.55 12.79
N PRO A 101 2.08 -3.41 13.98
CA PRO A 101 2.83 -2.17 14.26
C PRO A 101 3.99 -1.94 13.30
N PHE A 102 4.64 -3.01 12.88
CA PHE A 102 5.72 -2.89 11.89
C PHE A 102 5.19 -2.36 10.55
N LEU A 103 4.05 -2.88 10.10
CA LEU A 103 3.44 -2.37 8.89
C LEU A 103 2.99 -0.92 9.05
N GLU A 104 2.54 -0.53 10.25
CA GLU A 104 2.23 0.87 10.50
C GLU A 104 3.46 1.73 10.28
N GLU A 105 4.56 1.33 10.91
CA GLU A 105 5.81 2.06 10.76
C GLU A 105 6.15 2.23 9.29
N LEU A 106 5.99 1.16 8.48
CA LEU A 106 6.30 1.26 7.06
C LEU A 106 5.35 2.21 6.34
N ILE A 107 4.09 2.22 6.73
CA ILE A 107 3.13 3.11 6.07
C ILE A 107 3.49 4.57 6.33
N VAL A 108 3.98 4.89 7.54
CA VAL A 108 4.21 6.29 7.92
C VAL A 108 5.63 6.77 7.66
N THR A 109 6.49 5.93 7.08
CA THR A 109 7.88 6.29 6.82
C THR A 109 8.12 6.25 5.33
N LYS A 110 8.66 7.33 4.77
CA LYS A 110 8.88 7.40 3.32
C LYS A 110 7.57 7.17 2.57
N SER A 111 6.52 7.80 3.08
CA SER A 111 5.17 7.50 2.61
C SER A 111 4.93 8.09 1.23
N TRP A 112 4.25 7.33 0.39
CA TRP A 112 3.70 7.82 -0.87
C TRP A 112 2.74 6.73 -1.36
N TRP A 113 2.04 7.01 -2.47
CA TRP A 113 1.00 6.10 -2.90
C TRP A 113 1.59 4.75 -3.32
N ASP A 114 2.81 4.73 -3.86
CA ASP A 114 3.36 3.47 -4.39
C ASP A 114 3.60 2.45 -3.27
N SER A 115 4.17 2.88 -2.14
CA SER A 115 4.43 1.95 -1.05
C SER A 115 3.14 1.60 -0.34
N VAL A 116 2.34 2.61 -0.03
CA VAL A 116 1.19 2.38 0.83
C VAL A 116 0.15 1.53 0.10
N ASP A 117 0.00 1.74 -1.20
CA ASP A 117 -0.97 0.97 -1.97
C ASP A 117 -0.55 -0.48 -2.13
N SER A 118 0.73 -0.77 -1.93
CA SER A 118 1.20 -2.15 -1.92
CA SER A 118 1.18 -2.16 -1.92
C SER A 118 1.09 -2.78 -0.53
N ILE A 119 1.40 -2.02 0.52
CA ILE A 119 1.34 -2.58 1.86
C ILE A 119 -0.10 -2.92 2.25
N VAL A 120 -1.05 -2.04 1.94
CA VAL A 120 -2.32 -2.04 2.65
C VAL A 120 -3.25 -3.13 2.12
N PRO A 121 -3.65 -3.17 0.85
CA PRO A 121 -4.69 -4.14 0.46
C PRO A 121 -4.22 -5.58 0.54
N THR A 122 -2.94 -5.85 0.35
CA THR A 122 -2.48 -7.23 0.42
C THR A 122 -2.18 -7.65 1.86
N PHE A 123 -1.21 -7.00 2.50
CA PHE A 123 -0.70 -7.46 3.78
C PHE A 123 -1.66 -7.15 4.92
N LEU A 124 -2.11 -5.89 5.03
CA LEU A 124 -3.11 -5.60 6.07
C LEU A 124 -4.44 -6.22 5.72
N GLY A 125 -4.81 -6.23 4.44
CA GLY A 125 -6.04 -6.89 4.06
C GLY A 125 -6.09 -8.34 4.52
N ASP A 126 -4.99 -9.05 4.31
CA ASP A 126 -4.94 -10.46 4.68
C ASP A 126 -4.99 -10.62 6.20
N ILE A 127 -4.30 -9.75 6.93
CA ILE A 127 -4.21 -9.92 8.37
C ILE A 127 -5.58 -9.74 9.01
N PHE A 128 -6.27 -8.65 8.65
CA PHE A 128 -7.60 -8.37 9.20
C PHE A 128 -8.67 -9.33 8.70
N LEU A 129 -8.45 -10.06 7.60
CA LEU A 129 -9.39 -11.12 7.25
C LEU A 129 -9.27 -12.27 8.24
N LYS A 130 -8.07 -12.52 8.75
CA LYS A 130 -7.89 -13.60 9.71
C LYS A 130 -8.20 -13.14 11.13
N HIS A 131 -8.07 -11.84 11.41
CA HIS A 131 -8.24 -11.29 12.76
C HIS A 131 -9.13 -10.07 12.73
N PRO A 132 -10.39 -10.23 12.32
CA PRO A 132 -11.26 -9.05 12.20
C PRO A 132 -11.65 -8.44 13.54
N GLU A 133 -11.47 -9.15 14.64
CA GLU A 133 -11.66 -8.57 15.97
C GLU A 133 -10.54 -7.61 16.36
N LEU A 134 -9.47 -7.45 15.57
CA LEU A 134 -8.45 -6.46 15.89
C LEU A 134 -8.62 -5.15 15.16
N ILE A 135 -9.58 -5.09 14.23
CA ILE A 135 -9.77 -3.89 13.43
C ILE A 135 -10.01 -2.69 14.34
N SER A 136 -10.79 -2.88 15.40
CA SER A 136 -11.15 -1.74 16.26
C SER A 136 -9.98 -1.19 17.05
N ALA A 137 -8.89 -1.94 17.20
CA ALA A 137 -7.69 -1.44 17.86
C ALA A 137 -6.85 -0.59 16.93
N TYR A 138 -7.10 -0.63 15.62
CA TYR A 138 -6.24 0.07 14.67
C TYR A 138 -6.99 1.07 13.82
N ILE A 139 -8.09 0.69 13.20
CA ILE A 139 -8.72 1.56 12.20
C ILE A 139 -9.18 2.88 12.83
N PRO A 140 -9.88 2.91 13.97
CA PRO A 140 -10.29 4.21 14.56
C PRO A 140 -9.09 5.10 14.90
N LYS A 141 -8.04 4.50 15.45
CA LYS A 141 -6.79 5.22 15.71
C LYS A 141 -6.24 5.84 14.42
N TRP A 142 -6.19 5.05 13.35
CA TRP A 142 -5.63 5.55 12.10
C TRP A 142 -6.46 6.71 11.56
N ILE A 143 -7.78 6.61 11.68
CA ILE A 143 -8.66 7.68 11.18
C ILE A 143 -8.41 8.96 11.97
N ALA A 144 -8.35 8.85 13.30
CA ALA A 144 -8.12 10.00 14.16
C ALA A 144 -6.70 10.55 14.06
N SER A 145 -5.75 9.82 13.48
CA SER A 145 -4.36 10.23 13.55
C SER A 145 -4.04 11.48 12.73
N ASP A 146 -4.89 11.84 11.76
CA ASP A 146 -4.59 12.93 10.82
C ASP A 146 -3.35 12.69 9.98
N ASN A 147 -2.86 11.46 9.95
CA ASN A 147 -1.84 11.05 8.98
C ASN A 147 -2.55 10.51 7.75
N ILE A 148 -2.38 11.16 6.59
CA ILE A 148 -3.22 10.75 5.44
C ILE A 148 -2.92 9.33 4.97
N TRP A 149 -1.73 8.81 5.24
CA TRP A 149 -1.40 7.46 4.76
C TRP A 149 -2.03 6.39 5.64
N LEU A 150 -2.08 6.61 6.96
CA LEU A 150 -2.89 5.72 7.81
C LEU A 150 -4.38 5.85 7.51
N GLN A 151 -4.83 7.06 7.15
CA GLN A 151 -6.22 7.23 6.75
C GLN A 151 -6.52 6.49 5.44
N ARG A 152 -5.62 6.59 4.45
CA ARG A 152 -5.80 5.81 3.23
C ARG A 152 -5.71 4.31 3.51
N ALA A 153 -4.89 3.90 4.48
CA ALA A 153 -4.84 2.51 4.90
C ALA A 153 -6.18 2.00 5.42
N ALA A 154 -6.84 2.82 6.24
CA ALA A 154 -8.14 2.45 6.79
C ALA A 154 -9.15 2.28 5.66
N ILE A 155 -9.05 3.10 4.61
CA ILE A 155 -9.97 3.02 3.48
C ILE A 155 -9.72 1.76 2.66
N LEU A 156 -8.44 1.49 2.35
CA LEU A 156 -8.10 0.56 1.30
C LEU A 156 -7.79 -0.86 1.79
N PHE A 157 -7.70 -1.09 3.09
CA PHE A 157 -7.35 -2.46 3.51
C PHE A 157 -8.38 -3.49 3.04
N GLN A 158 -9.60 -3.08 2.71
CA GLN A 158 -10.62 -4.01 2.22
C GLN A 158 -10.74 -4.01 0.70
N LEU A 159 -9.86 -3.30 0.00
CA LEU A 159 -9.99 -3.09 -1.44
C LEU A 159 -10.24 -4.38 -2.22
N LYS A 160 -9.55 -5.47 -1.87
CA LYS A 160 -9.55 -6.70 -2.66
C LYS A 160 -10.54 -7.73 -2.13
N TYR A 161 -11.39 -7.34 -1.19
CA TYR A 161 -12.21 -8.31 -0.46
C TYR A 161 -13.35 -8.85 -1.30
N LYS A 162 -13.86 -8.05 -2.23
CA LYS A 162 -14.98 -8.44 -3.08
C LYS A 162 -16.13 -8.94 -2.20
N GLN A 163 -16.57 -10.19 -2.37
CA GLN A 163 -17.74 -10.65 -1.56
C GLN A 163 -17.49 -10.69 -0.04
N LYS A 164 -16.24 -10.54 0.41
CA LYS A 164 -15.89 -10.52 1.82
C LYS A 164 -16.04 -9.15 2.45
N MET A 165 -16.33 -8.13 1.66
CA MET A 165 -16.35 -6.77 2.16
C MET A 165 -17.33 -6.65 3.33
N ASP A 166 -16.86 -6.05 4.44
CA ASP A 166 -17.72 -5.59 5.55
C ASP A 166 -18.31 -4.25 5.15
N GLU A 167 -19.50 -4.30 4.57
CA GLU A 167 -20.13 -3.12 3.98
C GLU A 167 -20.37 -2.01 5.01
N GLU A 168 -20.95 -2.33 6.16
CA GLU A 168 -21.22 -1.24 7.08
C GLU A 168 -19.93 -0.66 7.65
N LEU A 169 -18.89 -1.48 7.81
CA LEU A 169 -17.59 -0.94 8.22
C LEU A 169 -17.02 0.00 7.15
N LEU A 170 -17.06 -0.43 5.88
CA LEU A 170 -16.55 0.41 4.79
C LEU A 170 -17.23 1.76 4.78
N PHE A 171 -18.56 1.76 4.80
CA PHE A 171 -19.29 3.01 4.75
C PHE A 171 -19.06 3.86 6.01
N TRP A 172 -18.88 3.26 7.19
CA TRP A 172 -18.53 4.08 8.37
C TRP A 172 -17.17 4.77 8.18
N ILE A 173 -16.18 4.02 7.70
CA ILE A 173 -14.85 4.58 7.48
C ILE A 173 -14.93 5.76 6.53
N ILE A 174 -15.65 5.59 5.43
CA ILE A 174 -15.74 6.64 4.42
C ILE A 174 -16.43 7.87 5.00
N GLY A 175 -17.52 7.65 5.74
CA GLY A 175 -18.19 8.77 6.39
C GLY A 175 -17.29 9.54 7.34
N GLN A 176 -16.37 8.85 7.99
CA GLN A 176 -15.46 9.56 8.86
C GLN A 176 -14.45 10.37 8.07
N LEU A 177 -14.17 10.01 6.83
CA LEU A 177 -13.12 10.69 6.06
C LEU A 177 -13.63 11.49 4.89
N HIS A 178 -14.95 11.53 4.65
CA HIS A 178 -15.44 12.14 3.41
C HIS A 178 -15.18 13.63 3.38
N SER A 179 -15.07 14.27 4.54
CA SER A 179 -14.80 15.71 4.59
CA SER A 179 -14.81 15.71 4.60
C SER A 179 -13.33 16.05 4.47
N SER A 180 -12.47 15.09 4.19
CA SER A 180 -11.06 15.41 4.03
C SER A 180 -10.85 16.23 2.78
N LYS A 181 -10.03 17.28 2.89
CA LYS A 181 -9.59 18.03 1.68
C LYS A 181 -8.56 17.28 0.84
N GLU A 182 -8.03 16.18 1.35
CA GLU A 182 -6.78 15.61 0.86
C GLU A 182 -6.99 14.84 -0.44
N PHE A 183 -6.15 15.15 -1.44
CA PHE A 183 -6.24 14.50 -2.74
C PHE A 183 -6.25 12.99 -2.60
N PHE A 184 -5.32 12.45 -1.80
CA PHE A 184 -5.15 11.00 -1.73
C PHE A 184 -6.23 10.33 -0.91
N ILE A 185 -6.96 11.08 -0.07
CA ILE A 185 -8.11 10.52 0.62
C ILE A 185 -9.32 10.52 -0.31
N GLN A 186 -9.61 11.64 -0.96
CA GLN A 186 -10.71 11.68 -1.92
C GLN A 186 -10.56 10.60 -2.98
N LYS A 187 -9.34 10.44 -3.50
CA LYS A 187 -9.10 9.45 -4.54
C LYS A 187 -9.36 8.06 -4.01
N ALA A 188 -8.88 7.75 -2.81
CA ALA A 188 -9.00 6.40 -2.27
C ALA A 188 -10.44 6.03 -2.02
N ILE A 189 -11.24 7.01 -1.56
CA ILE A 189 -12.67 6.77 -1.38
C ILE A 189 -13.31 6.43 -2.72
N GLY A 190 -12.99 7.17 -3.78
CA GLY A 190 -13.62 6.88 -5.06
C GLY A 190 -13.18 5.53 -5.60
N TRP A 191 -11.92 5.17 -5.35
CA TRP A 191 -11.39 3.88 -5.82
C TRP A 191 -12.07 2.71 -5.14
N VAL A 192 -12.14 2.72 -3.80
CA VAL A 192 -12.70 1.57 -3.09
C VAL A 192 -14.20 1.41 -3.41
N LEU A 193 -14.91 2.51 -3.61
CA LEU A 193 -16.31 2.42 -3.97
C LEU A 193 -16.48 1.87 -5.39
N ARG A 194 -15.70 2.39 -6.33
CA ARG A 194 -15.77 1.89 -7.70
C ARG A 194 -15.44 0.40 -7.73
N GLU A 195 -14.44 -0.01 -6.96
CA GLU A 195 -14.05 -1.42 -7.00
C GLU A 195 -15.12 -2.29 -6.33
N TYR A 196 -15.63 -1.86 -5.18
CA TYR A 196 -16.66 -2.67 -4.53
C TYR A 196 -17.92 -2.72 -5.38
N ALA A 197 -18.16 -1.69 -6.19
CA ALA A 197 -19.33 -1.69 -7.09
C ALA A 197 -19.27 -2.77 -8.15
N LYS A 198 -18.08 -3.32 -8.43
CA LYS A 198 -17.98 -4.47 -9.31
C LYS A 198 -18.60 -5.71 -8.70
N THR A 199 -18.67 -5.78 -7.38
CA THR A 199 -19.25 -6.90 -6.66
C THR A 199 -20.68 -6.62 -6.21
N ASN A 200 -20.93 -5.42 -5.68
CA ASN A 200 -22.19 -5.08 -5.00
C ASN A 200 -22.64 -3.72 -5.48
N PRO A 201 -22.98 -3.59 -6.77
CA PRO A 201 -23.23 -2.26 -7.35
C PRO A 201 -24.40 -1.53 -6.70
N ASP A 202 -25.49 -2.24 -6.39
CA ASP A 202 -26.68 -1.58 -5.88
C ASP A 202 -26.42 -0.88 -4.54
N VAL A 203 -25.62 -1.47 -3.66
CA VAL A 203 -25.42 -0.80 -2.38
C VAL A 203 -24.47 0.36 -2.51
N VAL A 204 -23.54 0.32 -3.46
CA VAL A 204 -22.71 1.48 -3.73
C VAL A 204 -23.56 2.60 -4.31
N TRP A 205 -24.43 2.29 -5.28
CA TRP A 205 -25.32 3.34 -5.80
C TRP A 205 -26.12 3.99 -4.67
N GLU A 206 -26.78 3.19 -3.83
CA GLU A 206 -27.59 3.74 -2.75
C GLU A 206 -26.75 4.60 -1.80
N TYR A 207 -25.53 4.18 -1.49
CA TYR A 207 -24.73 4.98 -0.57
C TYR A 207 -24.39 6.33 -1.18
N VAL A 208 -23.89 6.31 -2.42
CA VAL A 208 -23.49 7.55 -3.09
C VAL A 208 -24.67 8.49 -3.27
N GLN A 209 -25.86 7.96 -3.48
CA GLN A 209 -27.02 8.82 -3.68
C GLN A 209 -27.55 9.42 -2.38
N ASN A 210 -27.15 8.90 -1.22
CA ASN A 210 -27.73 9.32 0.05
C ASN A 210 -26.71 9.81 1.05
N ASN A 211 -25.43 9.80 0.71
CA ASN A 211 -24.43 10.24 1.66
C ASN A 211 -23.45 11.17 0.96
N GLU A 212 -23.01 12.19 1.69
CA GLU A 212 -22.20 13.24 1.11
C GLU A 212 -20.78 12.74 0.84
N LEU A 213 -20.25 13.14 -0.32
CA LEU A 213 -18.91 12.82 -0.77
C LEU A 213 -18.34 14.03 -1.50
N ALA A 214 -17.03 14.16 -1.45
CA ALA A 214 -16.37 15.06 -2.38
C ALA A 214 -16.81 14.72 -3.81
N PRO A 215 -17.00 15.71 -4.68
CA PRO A 215 -17.42 15.41 -6.06
C PRO A 215 -16.46 14.50 -6.80
N LEU A 216 -15.14 14.61 -6.57
CA LEU A 216 -14.18 13.70 -7.21
C LEU A 216 -14.49 12.27 -6.81
N SER A 217 -14.72 12.04 -5.51
CA SER A 217 -14.98 10.70 -5.00
C SER A 217 -16.26 10.10 -5.59
N LYS A 218 -17.33 10.89 -5.63
CA LYS A 218 -18.61 10.40 -6.16
C LYS A 218 -18.53 10.06 -7.65
N ARG A 219 -17.88 10.92 -8.44
CA ARG A 219 -17.72 10.67 -9.87
C ARG A 219 -16.99 9.35 -10.11
N GLU A 220 -15.87 9.16 -9.42
CA GLU A 220 -15.07 7.96 -9.62
C GLU A 220 -15.81 6.71 -9.20
N ALA A 221 -16.64 6.82 -8.15
CA ALA A 221 -17.32 5.65 -7.62
C ALA A 221 -18.34 5.06 -8.60
N ILE A 222 -19.05 5.91 -9.33
CA ILE A 222 -20.18 5.45 -10.16
C ILE A 222 -19.82 5.37 -11.65
N LYS A 223 -18.55 5.54 -11.99
CA LYS A 223 -18.21 5.77 -13.38
C LYS A 223 -18.51 4.56 -14.27
N HIS A 224 -18.58 3.35 -13.73
CA HIS A 224 -18.92 2.19 -14.56
C HIS A 224 -20.38 1.76 -14.43
N ILE A 225 -21.08 2.18 -13.38
CA ILE A 225 -22.45 1.70 -13.13
C ILE A 225 -23.50 2.77 -13.37
N LYS A 226 -23.13 4.04 -13.52
CA LYS A 226 -24.16 5.07 -13.64
C LYS A 226 -25.11 4.77 -14.78
N GLN A 227 -24.61 4.18 -15.87
CA GLN A 227 -25.46 3.90 -17.04
C GLN A 227 -26.47 2.79 -16.80
N ASN A 228 -26.65 2.25 -15.59
CA ASN A 228 -27.67 1.24 -15.33
C ASN A 228 -28.84 1.79 -14.51
N TYR A 229 -28.97 3.12 -14.43
CA TYR A 229 -29.86 3.74 -13.46
C TYR A 229 -30.65 4.91 -14.04
#